data_3LSP
#
_entry.id   3LSP
#
_cell.length_a   78.385
_cell.length_b   78.385
_cell.length_c   147.988
_cell.angle_alpha   90.00
_cell.angle_beta   90.00
_cell.angle_gamma   90.00
#
_symmetry.space_group_name_H-M   'I 41'
#
loop_
_entity.id
_entity.type
_entity.pdbx_description
1 polymer DesT
2 polymer "DNA (5'-D(*TP*TP*AP*CP*AP*TP*CP*AP*GP*TP*GP*AP*AP*CP*GP*CP*TP*TP*GP*TP*TP*GP*AP*CP*TP*CP*GP*AP*TP*TP*G)-3')"
3 polymer "DNA (5'-D(*TP*CP*AP*AP*TP*CP*GP*AP*GP*TP*CP*AP*AP*CP*AP*AP*GP*CP*GP*TP*TP*CP*AP*CP*TP*GP*AP*TP*GP*TP*A)-3')"
4 non-polymer 'OLEIC ACID'
5 non-polymer 'SULFATE ION'
6 water water
#
loop_
_entity_poly.entity_id
_entity_poly.type
_entity_poly.pdbx_seq_one_letter_code
_entity_poly.pdbx_strand_id
1 'polypeptide(L)'
;MASPRAEQKQQTRHALMSAARHLMESGRGFGSLSLREVTRAAGIVPAGFYRHFSDMDQLGLALVAEVDETFRATLRAVRR
NEFELGGLIDASVRIFLDAVGANRSQFLFLAREQYGGSLPIRQAIASLRQRITDDLAADLALLNKMPHLDGAALDVFADL
VVKTVFATLPELIDPPAADLPPHLMPAAKITHQLRFIMIGGKHWHGLPGSSVDKLAAALE
;
A
2 'polydeoxyribonucleotide'
;(DT)(DT)(DA)(DC)(DA)(DT)(DC)(DA)(DG)(DT)(DG)(DA)(DA)(DC)(DG)(DC)(DT)(DT)(DG)(DT)
(DT)(DG)(DA)(DC)(DT)(DC)(DG)(DA)(DT)(DT)(DG)
;
B
3 'polydeoxyribonucleotide'
;(DT)(DC)(DA)(DA)(DT)(DC)(DG)(DA)(DG)(DT)(DC)(DA)(DA)(DC)(DA)(DA)(DG)(DC)(DG)(DT)
(DT)(DC)(DA)(DC)(DT)(DG)(DA)(DT)(DG)(DT)(DA)
;
D
#
# COMPACT_ATOMS: atom_id res chain seq x y z
N PRO A 4 -22.01 21.27 -5.60
CA PRO A 4 -23.21 21.68 -4.86
C PRO A 4 -22.92 21.80 -3.36
N ARG A 5 -23.81 21.23 -2.56
CA ARG A 5 -23.45 20.71 -1.25
C ARG A 5 -23.75 19.21 -1.27
N ALA A 6 -23.30 18.59 -2.36
CA ALA A 6 -23.04 17.17 -2.44
C ALA A 6 -21.56 17.00 -2.09
N GLU A 7 -20.93 18.12 -1.70
CA GLU A 7 -19.67 18.14 -0.96
C GLU A 7 -19.89 17.59 0.46
N GLN A 8 -21.13 17.65 0.92
CA GLN A 8 -21.50 17.03 2.20
C GLN A 8 -21.72 15.53 2.07
N LYS A 9 -22.23 15.08 0.93
CA LYS A 9 -22.42 13.65 0.70
C LYS A 9 -21.07 12.95 0.78
N GLN A 10 -20.11 13.45 0.01
CA GLN A 10 -18.76 12.90 -0.02
C GLN A 10 -18.15 12.90 1.36
N GLN A 11 -18.44 13.93 2.16
CA GLN A 11 -17.96 14.03 3.52
C GLN A 11 -18.44 12.85 4.39
N THR A 12 -19.68 12.40 4.13
CA THR A 12 -20.26 11.26 4.81
C THR A 12 -19.70 9.97 4.23
N ARG A 13 -19.30 10.04 2.96
CA ARG A 13 -18.62 8.93 2.30
C ARG A 13 -17.25 8.67 2.94
N HIS A 14 -16.51 9.76 3.18
CA HIS A 14 -15.22 9.69 3.82
C HIS A 14 -15.31 9.16 5.25
N ALA A 15 -16.40 9.53 5.93
CA ALA A 15 -16.71 9.12 7.29
C ALA A 15 -16.89 7.61 7.38
N LEU A 16 -17.67 7.02 6.47
CA LEU A 16 -17.85 5.57 6.41
C LEU A 16 -16.52 4.85 6.11
N MET A 17 -15.72 5.44 5.23
CA MET A 17 -14.42 4.90 4.93
C MET A 17 -13.46 5.00 6.13
N SER A 18 -13.38 6.19 6.72
CA SER A 18 -12.46 6.39 7.82
C SER A 18 -12.81 5.54 9.04
N ALA A 19 -14.10 5.45 9.32
CA ALA A 19 -14.57 4.64 10.44
C ALA A 19 -14.15 3.19 10.28
N ALA A 20 -14.25 2.66 9.06
CA ALA A 20 -13.97 1.26 8.77
C ALA A 20 -12.50 0.95 9.02
N ARG A 21 -11.64 1.76 8.41
CA ARG A 21 -10.20 1.72 8.67
C ARG A 21 -9.83 1.83 10.15
N HIS A 22 -10.48 2.76 10.86
CA HIS A 22 -10.09 3.03 12.23
C HIS A 22 -10.59 1.94 13.15
N LEU A 23 -11.79 1.42 12.88
CA LEU A 23 -12.26 0.21 13.57
C LEU A 23 -11.31 -0.98 13.44
N MET A 24 -10.55 -1.05 12.37
CA MET A 24 -9.58 -2.14 12.23
C MET A 24 -8.36 -1.96 13.14
N GLU A 25 -8.13 -0.74 13.60
CA GLU A 25 -6.91 -0.40 14.35
C GLU A 25 -6.68 -1.16 15.67
N SER A 26 -7.67 -1.91 16.14
CA SER A 26 -7.53 -2.67 17.39
C SER A 26 -7.09 -4.13 17.17
N GLY A 27 -6.98 -4.57 15.91
CA GLY A 27 -6.61 -5.95 15.61
C GLY A 27 -7.60 -6.71 14.76
N ARG A 28 -8.83 -6.18 14.66
CA ARG A 28 -9.91 -6.80 13.88
C ARG A 28 -9.69 -6.75 12.38
N GLY A 29 -10.18 -7.77 11.69
CA GLY A 29 -10.17 -7.83 10.23
C GLY A 29 -11.37 -7.12 9.64
N PHE A 30 -11.23 -6.68 8.39
CA PHE A 30 -12.31 -5.99 7.72
C PHE A 30 -13.54 -6.87 7.60
N GLY A 31 -13.31 -8.16 7.36
CA GLY A 31 -14.40 -9.10 7.12
C GLY A 31 -15.29 -9.30 8.33
N SER A 32 -14.80 -8.97 9.53
CA SER A 32 -15.62 -9.18 10.70
C SER A 32 -16.47 -7.97 11.06
N LEU A 33 -16.33 -6.90 10.28
CA LEU A 33 -17.01 -5.65 10.59
C LEU A 33 -18.42 -5.68 10.10
N SER A 34 -19.36 -5.41 10.99
CA SER A 34 -20.75 -5.21 10.53
C SER A 34 -20.99 -3.82 9.94
N LEU A 35 -22.00 -3.77 9.09
CA LEU A 35 -22.52 -2.53 8.51
C LEU A 35 -23.08 -1.63 9.61
N ARG A 36 -23.83 -2.21 10.54
CA ARG A 36 -24.35 -1.49 11.68
C ARG A 36 -23.24 -0.84 12.51
N GLU A 37 -22.13 -1.53 12.72
CA GLU A 37 -21.11 -0.91 13.55
C GLU A 37 -20.33 0.20 12.82
N VAL A 38 -20.21 0.09 11.49
CA VAL A 38 -19.52 1.10 10.68
C VAL A 38 -20.36 2.38 10.57
N THR A 39 -21.65 2.23 10.29
CA THR A 39 -22.58 3.38 10.26
C THR A 39 -22.69 4.07 11.63
N ARG A 40 -22.66 3.27 12.69
CA ARG A 40 -22.71 3.75 14.06
C ARG A 40 -21.49 4.60 14.37
N ALA A 41 -20.33 4.17 13.89
CA ALA A 41 -19.10 4.89 14.14
C ALA A 41 -18.98 6.12 13.25
N ALA A 42 -19.60 6.06 12.08
CA ALA A 42 -19.52 7.17 11.14
C ALA A 42 -20.54 8.25 11.48
N GLY A 43 -21.63 7.87 12.13
CA GLY A 43 -22.67 8.81 12.55
C GLY A 43 -23.90 8.81 11.66
N ILE A 44 -24.28 7.64 11.16
CA ILE A 44 -25.52 7.57 10.42
C ILE A 44 -26.33 6.39 10.91
N VAL A 45 -27.62 6.45 10.61
CA VAL A 45 -28.54 5.36 10.88
C VAL A 45 -28.15 4.22 9.90
N PRO A 46 -28.24 2.94 10.32
CA PRO A 46 -27.85 1.82 9.44
C PRO A 46 -28.25 1.97 7.95
N ALA A 47 -29.53 2.24 7.69
CA ALA A 47 -30.02 2.30 6.30
C ALA A 47 -29.37 3.36 5.41
N GLY A 48 -28.81 4.41 6.01
CA GLY A 48 -28.16 5.50 5.26
C GLY A 48 -26.93 5.06 4.50
N PHE A 49 -26.35 3.95 4.94
CA PHE A 49 -25.18 3.35 4.32
C PHE A 49 -25.37 3.16 2.82
N TYR A 50 -26.59 2.75 2.44
CA TYR A 50 -26.93 2.46 1.04
C TYR A 50 -27.03 3.66 0.09
N ARG A 51 -27.14 4.88 0.61
CA ARG A 51 -27.00 6.06 -0.25
C ARG A 51 -25.55 6.20 -0.72
N HIS A 52 -24.69 5.26 -0.31
CA HIS A 52 -23.24 5.34 -0.54
C HIS A 52 -22.65 4.05 -1.09
N PHE A 53 -23.07 2.92 -0.51
CA PHE A 53 -22.56 1.60 -0.91
C PHE A 53 -23.67 0.58 -0.75
N SER A 54 -23.66 -0.42 -1.62
CA SER A 54 -24.61 -1.52 -1.50
C SER A 54 -24.07 -2.63 -0.62
N ASP A 55 -22.77 -2.62 -0.37
CA ASP A 55 -22.13 -3.77 0.20
C ASP A 55 -20.99 -3.32 1.06
N MET A 56 -20.78 -4.04 2.15
CA MET A 56 -19.53 -3.91 2.88
C MET A 56 -18.37 -4.20 1.91
N ASP A 57 -18.54 -5.20 1.04
CA ASP A 57 -17.58 -5.46 -0.03
C ASP A 57 -17.30 -4.25 -0.90
N GLN A 58 -18.33 -3.54 -1.33
CA GLN A 58 -18.11 -2.33 -2.14
C GLN A 58 -17.34 -1.26 -1.38
N LEU A 59 -17.47 -1.23 -0.06
CA LEU A 59 -16.70 -0.30 0.75
C LEU A 59 -15.22 -0.74 0.80
N GLY A 60 -14.99 -2.03 1.02
CA GLY A 60 -13.64 -2.58 0.87
C GLY A 60 -12.97 -2.16 -0.43
N LEU A 61 -13.71 -2.18 -1.54
CA LEU A 61 -13.14 -1.83 -2.85
C LEU A 61 -12.79 -0.36 -2.92
N ALA A 62 -13.64 0.47 -2.34
CA ALA A 62 -13.30 1.90 -2.24
C ALA A 62 -12.08 2.09 -1.33
N LEU A 63 -11.92 1.22 -0.32
CA LEU A 63 -10.71 1.28 0.50
C LEU A 63 -9.43 0.86 -0.25
N VAL A 64 -9.50 -0.19 -1.08
CA VAL A 64 -8.37 -0.47 -2.01
C VAL A 64 -8.04 0.68 -2.97
N ALA A 65 -9.05 1.35 -3.49
CA ALA A 65 -8.82 2.42 -4.47
C ALA A 65 -8.19 3.63 -3.79
N GLU A 66 -8.64 3.95 -2.57
CA GLU A 66 -8.05 5.01 -1.77
C GLU A 66 -6.57 4.78 -1.46
N VAL A 67 -6.21 3.61 -0.92
CA VAL A 67 -4.76 3.36 -0.70
C VAL A 67 -3.97 3.47 -2.00
N ASP A 68 -4.59 3.08 -3.11
CA ASP A 68 -3.98 3.08 -4.42
C ASP A 68 -3.50 4.48 -4.83
N GLU A 69 -4.37 5.51 -4.71
CA GLU A 69 -3.92 6.88 -5.00
C GLU A 69 -2.74 7.27 -4.12
N THR A 70 -2.86 7.07 -2.80
CA THR A 70 -1.81 7.44 -1.85
C THR A 70 -0.52 6.72 -2.14
N PHE A 71 -0.61 5.41 -2.38
CA PHE A 71 0.58 4.61 -2.60
C PHE A 71 1.32 5.01 -3.89
N ARG A 72 0.57 5.48 -4.88
CA ARG A 72 1.19 5.88 -6.16
C ARG A 72 1.78 7.28 -6.12
N ALA A 73 1.18 8.17 -5.37
CA ALA A 73 1.78 9.48 -5.13
C ALA A 73 3.13 9.32 -4.48
N THR A 74 3.29 8.25 -3.70
CA THR A 74 4.53 8.00 -2.99
C THR A 74 5.58 7.43 -3.91
N LEU A 75 5.17 6.48 -4.74
CA LEU A 75 6.08 5.86 -5.70
C LEU A 75 6.63 6.89 -6.68
N ARG A 76 5.80 7.83 -7.14
CA ARG A 76 6.29 8.96 -7.96
C ARG A 76 7.42 9.78 -7.32
N ALA A 77 7.27 10.12 -6.04
CA ALA A 77 8.34 10.79 -5.31
C ALA A 77 9.62 9.94 -5.21
N VAL A 78 9.50 8.62 -5.15
CA VAL A 78 10.68 7.76 -5.12
C VAL A 78 11.31 7.69 -6.52
N ARG A 79 10.46 7.60 -7.53
CA ARG A 79 10.87 7.59 -8.94
C ARG A 79 11.72 8.83 -9.27
N ARG A 80 11.16 10.02 -9.01
CA ARG A 80 11.87 11.30 -9.11
C ARG A 80 13.24 11.28 -8.46
N ASN A 81 13.33 10.61 -7.33
CA ASN A 81 14.55 10.55 -6.54
C ASN A 81 15.59 9.59 -7.09
N GLU A 82 15.19 8.71 -7.99
CA GLU A 82 16.11 7.67 -8.46
C GLU A 82 17.12 8.13 -9.50
N PHE A 83 16.95 9.36 -9.98
CA PHE A 83 17.79 9.93 -11.02
C PHE A 83 19.07 10.61 -10.49
N GLU A 84 19.21 10.70 -9.16
CA GLU A 84 20.40 11.28 -8.52
C GLU A 84 21.48 10.21 -8.25
N LEU A 85 22.74 10.54 -8.53
CA LEU A 85 23.84 9.60 -8.36
C LEU A 85 24.23 9.42 -6.88
N GLY A 86 23.95 8.23 -6.34
CA GLY A 86 24.35 7.88 -4.98
C GLY A 86 23.29 8.09 -3.91
N GLY A 87 23.34 7.23 -2.88
CA GLY A 87 22.43 7.29 -1.73
C GLY A 87 21.02 6.75 -2.02
N LEU A 88 20.83 6.25 -3.25
CA LEU A 88 19.50 5.84 -3.76
C LEU A 88 18.61 5.25 -2.66
N ILE A 89 19.14 4.26 -1.93
CA ILE A 89 18.32 3.49 -0.98
C ILE A 89 17.88 4.30 0.24
N ASP A 90 18.81 4.90 0.96
CA ASP A 90 18.47 5.58 2.20
C ASP A 90 17.41 6.66 2.03
N ALA A 91 17.58 7.48 1.00
CA ALA A 91 16.60 8.55 0.68
C ALA A 91 15.18 8.04 0.40
N SER A 92 15.08 7.00 -0.45
CA SER A 92 13.77 6.45 -0.82
C SER A 92 13.08 5.71 0.30
N VAL A 93 13.84 5.05 1.15
CA VAL A 93 13.27 4.48 2.36
C VAL A 93 12.63 5.60 3.18
N ARG A 94 13.39 6.67 3.41
CA ARG A 94 12.90 7.82 4.17
C ARG A 94 11.59 8.35 3.57
N ILE A 95 11.62 8.67 2.28
CA ILE A 95 10.39 9.14 1.63
C ILE A 95 9.26 8.15 1.87
N PHE A 96 9.56 6.87 1.69
CA PHE A 96 8.56 5.84 1.91
C PHE A 96 7.99 5.84 3.33
N LEU A 97 8.87 5.78 4.34
CA LEU A 97 8.44 5.77 5.77
C LEU A 97 7.69 7.02 6.19
N ASP A 98 8.12 8.19 5.67
CA ASP A 98 7.37 9.44 5.86
C ASP A 98 5.94 9.25 5.42
N ALA A 99 5.75 8.80 4.18
CA ALA A 99 4.40 8.63 3.61
C ALA A 99 3.53 7.63 4.38
N VAL A 100 4.13 6.54 4.84
CA VAL A 100 3.42 5.59 5.68
C VAL A 100 3.00 6.24 6.99
N GLY A 101 3.97 6.88 7.66
CA GLY A 101 3.71 7.69 8.85
C GLY A 101 2.55 8.65 8.65
N ALA A 102 2.60 9.43 7.57
CA ALA A 102 1.53 10.40 7.28
C ALA A 102 0.15 9.80 7.00
N ASN A 103 0.09 8.49 6.69
CA ASN A 103 -1.15 7.84 6.18
C ASN A 103 -1.45 6.47 6.82
N ARG A 104 -0.97 6.32 8.05
CA ARG A 104 -0.99 5.06 8.79
C ARG A 104 -2.22 4.16 8.62
N SER A 105 -3.42 4.69 8.75
CA SER A 105 -4.56 3.78 8.80
C SER A 105 -4.90 3.13 7.45
N GLN A 106 -4.48 3.79 6.36
CA GLN A 106 -4.69 3.31 5.00
C GLN A 106 -3.75 2.15 4.75
N PHE A 107 -2.48 2.38 5.03
CA PHE A 107 -1.50 1.32 4.97
C PHE A 107 -1.78 0.17 5.93
N LEU A 108 -2.39 0.48 7.07
CA LEU A 108 -2.84 -0.57 7.97
C LEU A 108 -3.86 -1.43 7.24
N PHE A 109 -4.83 -0.81 6.60
CA PHE A 109 -5.82 -1.55 5.82
C PHE A 109 -5.17 -2.53 4.82
N LEU A 110 -4.24 -2.01 4.04
CA LEU A 110 -3.48 -2.78 3.08
C LEU A 110 -2.74 -3.95 3.71
N ALA A 111 -1.96 -3.67 4.75
CA ALA A 111 -1.18 -4.70 5.46
C ALA A 111 -2.06 -5.83 5.95
N ARG A 112 -3.21 -5.49 6.51
CA ARG A 112 -4.13 -6.48 7.08
C ARG A 112 -4.91 -7.28 6.06
N GLU A 113 -5.30 -6.64 4.96
CA GLU A 113 -6.23 -7.27 4.04
C GLU A 113 -5.53 -7.92 2.84
N GLN A 114 -4.23 -7.67 2.71
CA GLN A 114 -3.47 -8.16 1.57
C GLN A 114 -3.63 -9.65 1.25
N TYR A 115 -3.72 -10.48 2.29
CA TYR A 115 -4.10 -11.88 2.11
C TYR A 115 -5.33 -12.34 2.91
N GLY A 116 -5.87 -11.47 3.78
CA GLY A 116 -6.90 -11.93 4.71
C GLY A 116 -8.39 -11.72 4.51
N GLY A 117 -8.71 -10.95 3.48
CA GLY A 117 -10.07 -10.52 3.27
C GLY A 117 -10.87 -11.50 2.44
N SER A 118 -11.97 -10.99 1.91
CA SER A 118 -12.78 -11.69 0.96
C SER A 118 -12.00 -11.65 -0.33
N LEU A 119 -12.06 -12.75 -1.09
CA LEU A 119 -11.45 -12.85 -2.43
C LEU A 119 -11.55 -11.59 -3.33
N PRO A 120 -12.74 -10.97 -3.44
CA PRO A 120 -12.77 -9.78 -4.32
C PRO A 120 -11.76 -8.71 -3.91
N ILE A 121 -11.70 -8.39 -2.62
CA ILE A 121 -10.71 -7.41 -2.10
C ILE A 121 -9.26 -7.93 -2.32
N ARG A 122 -9.05 -9.23 -2.17
CA ARG A 122 -7.75 -9.82 -2.48
C ARG A 122 -7.37 -9.67 -3.96
N GLN A 123 -8.37 -9.73 -4.85
CA GLN A 123 -8.15 -9.49 -6.28
C GLN A 123 -7.68 -8.08 -6.54
N ALA A 124 -8.44 -7.12 -6.04
CA ALA A 124 -8.08 -5.72 -6.15
C ALA A 124 -6.65 -5.43 -5.64
N ILE A 125 -6.24 -6.06 -4.53
CA ILE A 125 -4.90 -5.83 -3.96
C ILE A 125 -3.81 -6.44 -4.84
N ALA A 126 -4.10 -7.64 -5.34
CA ALA A 126 -3.30 -8.29 -6.39
C ALA A 126 -3.07 -7.39 -7.62
N SER A 127 -4.11 -6.74 -8.14
CA SER A 127 -3.92 -5.84 -9.29
C SER A 127 -3.00 -4.65 -8.96
N LEU A 128 -3.20 -4.08 -7.78
CA LEU A 128 -2.44 -2.95 -7.28
C LEU A 128 -0.96 -3.33 -7.18
N ARG A 129 -0.72 -4.54 -6.70
CA ARG A 129 0.62 -5.05 -6.48
C ARG A 129 1.38 -5.48 -7.76
N GLN A 130 0.64 -6.01 -8.73
CA GLN A 130 1.20 -6.29 -10.05
C GLN A 130 1.63 -4.98 -10.72
N ARG A 131 0.77 -3.96 -10.69
CA ARG A 131 1.15 -2.64 -11.28
C ARG A 131 2.40 -2.05 -10.66
N ILE A 132 2.50 -2.02 -9.33
CA ILE A 132 3.74 -1.55 -8.66
C ILE A 132 4.95 -2.39 -9.05
N THR A 133 4.77 -3.71 -9.09
CA THR A 133 5.86 -4.57 -9.54
C THR A 133 6.24 -4.29 -11.00
N ASP A 134 5.25 -4.16 -11.89
CA ASP A 134 5.54 -3.83 -13.32
C ASP A 134 6.25 -2.51 -13.45
N ASP A 135 5.75 -1.51 -12.72
CA ASP A 135 6.35 -0.20 -12.77
C ASP A 135 7.80 -0.24 -12.31
N LEU A 136 8.10 -1.04 -11.29
CA LEU A 136 9.48 -1.17 -10.84
C LEU A 136 10.35 -1.89 -11.89
N ALA A 137 9.87 -3.02 -12.43
CA ALA A 137 10.57 -3.71 -13.54
C ALA A 137 10.89 -2.77 -14.74
N ALA A 138 9.90 -1.98 -15.18
CA ALA A 138 10.12 -0.92 -16.18
C ALA A 138 11.19 0.09 -15.71
N ASP A 139 11.07 0.66 -14.52
CA ASP A 139 12.10 1.59 -14.08
C ASP A 139 13.55 1.06 -14.02
N LEU A 140 13.76 -0.18 -13.56
CA LEU A 140 15.11 -0.75 -13.54
C LEU A 140 15.62 -0.97 -14.96
N ALA A 141 14.70 -1.42 -15.82
CA ALA A 141 14.94 -1.63 -17.26
C ALA A 141 15.38 -0.33 -17.89
N LEU A 142 14.70 0.74 -17.53
CA LEU A 142 14.95 2.04 -18.08
C LEU A 142 16.34 2.54 -17.72
N LEU A 143 16.67 2.54 -16.45
CA LEU A 143 17.96 3.08 -16.02
C LEU A 143 19.18 2.16 -16.11
N ASN A 144 18.98 0.94 -16.60
CA ASN A 144 20.06 -0.06 -16.66
C ASN A 144 20.74 -0.32 -15.32
N LYS A 145 19.95 -0.47 -14.25
CA LYS A 145 20.49 -0.67 -12.89
C LYS A 145 20.98 -2.10 -12.66
N MET A 146 20.37 -3.07 -13.34
CA MET A 146 20.78 -4.45 -13.20
C MET A 146 21.11 -5.03 -14.58
N PRO A 147 22.23 -4.56 -15.19
CA PRO A 147 22.57 -4.93 -16.57
C PRO A 147 22.64 -6.44 -16.81
N HIS A 148 23.06 -7.19 -15.78
CA HIS A 148 23.13 -8.65 -15.85
C HIS A 148 21.78 -9.39 -15.86
N LEU A 149 20.66 -8.66 -15.82
CA LEU A 149 19.34 -9.29 -15.80
C LEU A 149 18.50 -9.00 -17.06
N ASP A 150 18.05 -10.06 -17.74
CA ASP A 150 17.13 -9.90 -18.86
C ASP A 150 15.70 -9.71 -18.36
N GLY A 151 14.76 -9.45 -19.27
CA GLY A 151 13.37 -9.18 -18.92
C GLY A 151 12.82 -10.12 -17.86
N ALA A 152 12.99 -11.43 -18.04
CA ALA A 152 12.40 -12.43 -17.14
C ALA A 152 12.96 -12.32 -15.72
N ALA A 153 14.28 -12.13 -15.62
CA ALA A 153 14.96 -11.99 -14.35
C ALA A 153 14.55 -10.72 -13.60
N LEU A 154 14.28 -9.62 -14.33
CA LEU A 154 13.78 -8.38 -13.73
C LEU A 154 12.40 -8.54 -13.12
N ASP A 155 11.56 -9.35 -13.71
CA ASP A 155 10.21 -9.50 -13.20
C ASP A 155 10.24 -10.24 -11.88
N VAL A 156 11.23 -11.11 -11.72
CA VAL A 156 11.39 -11.92 -10.53
C VAL A 156 12.06 -11.10 -9.42
N PHE A 157 13.10 -10.36 -9.78
CA PHE A 157 13.70 -9.38 -8.90
C PHE A 157 12.68 -8.33 -8.41
N ALA A 158 12.09 -7.57 -9.35
CA ALA A 158 11.06 -6.63 -8.96
C ALA A 158 10.05 -7.29 -7.99
N ASP A 159 9.65 -8.53 -8.27
CA ASP A 159 8.67 -9.17 -7.40
C ASP A 159 9.24 -9.42 -5.96
N LEU A 160 10.54 -9.66 -5.86
CA LEU A 160 11.20 -9.80 -4.59
C LEU A 160 11.15 -8.48 -3.83
N VAL A 161 11.62 -7.39 -4.46
CA VAL A 161 11.53 -6.06 -3.86
C VAL A 161 10.13 -5.68 -3.38
N VAL A 162 9.07 -5.98 -4.13
CA VAL A 162 7.73 -5.54 -3.72
C VAL A 162 7.19 -6.44 -2.62
N LYS A 163 7.62 -7.70 -2.66
CA LYS A 163 7.26 -8.69 -1.65
C LYS A 163 7.82 -8.27 -0.26
N THR A 164 9.09 -7.88 -0.22
CA THR A 164 9.71 -7.35 0.98
C THR A 164 9.00 -6.08 1.53
N VAL A 165 8.88 -5.04 0.70
CA VAL A 165 8.17 -3.84 1.14
C VAL A 165 6.79 -4.20 1.68
N PHE A 166 5.99 -4.94 0.94
CA PHE A 166 4.68 -5.34 1.46
C PHE A 166 4.76 -6.17 2.74
N ALA A 167 5.76 -7.03 2.86
CA ALA A 167 5.88 -7.88 4.05
C ALA A 167 6.36 -7.05 5.25
N THR A 168 6.98 -5.90 5.00
CA THR A 168 7.45 -5.01 6.04
C THR A 168 6.39 -4.06 6.61
N LEU A 169 5.31 -3.81 5.88
CA LEU A 169 4.36 -2.80 6.30
C LEU A 169 3.90 -2.94 7.74
N PRO A 170 3.55 -4.17 8.17
CA PRO A 170 2.96 -4.30 9.50
C PRO A 170 3.88 -3.79 10.62
N GLU A 171 5.16 -4.12 10.55
CA GLU A 171 6.09 -3.61 11.54
C GLU A 171 6.39 -2.13 11.38
N LEU A 172 5.97 -1.53 10.26
CA LEU A 172 6.12 -0.08 10.07
C LEU A 172 4.94 0.67 10.68
N ILE A 173 3.95 -0.07 11.19
CA ILE A 173 2.70 0.50 11.69
C ILE A 173 2.51 0.17 13.17
N ASP A 174 2.79 1.14 14.05
CA ASP A 174 2.87 0.95 15.54
C ASP A 174 4.14 0.25 15.96
N HIS A 183 20.05 0.80 15.04
CA HIS A 183 20.41 -0.52 15.58
C HIS A 183 19.63 -1.62 14.85
N LEU A 184 18.40 -1.88 15.31
CA LEU A 184 17.44 -2.77 14.61
C LEU A 184 16.09 -2.04 14.45
N MET A 185 16.17 -0.72 14.29
CA MET A 185 15.02 0.16 14.04
C MET A 185 14.45 -0.09 12.63
N PRO A 186 13.12 0.08 12.46
CA PRO A 186 12.50 -0.17 11.16
C PRO A 186 13.35 0.36 10.00
N ALA A 187 13.62 1.67 10.01
CA ALA A 187 14.34 2.31 8.90
C ALA A 187 15.63 1.59 8.55
N ALA A 188 16.51 1.38 9.54
CA ALA A 188 17.83 0.79 9.33
C ALA A 188 17.77 -0.68 8.87
N LYS A 189 16.86 -1.43 9.46
CA LYS A 189 16.63 -2.83 9.10
C LYS A 189 16.19 -2.95 7.64
N ILE A 190 15.11 -2.27 7.28
CA ILE A 190 14.56 -2.36 5.94
C ILE A 190 15.58 -1.95 4.90
N THR A 191 16.39 -0.94 5.23
CA THR A 191 17.43 -0.41 4.35
C THR A 191 18.54 -1.42 4.18
N HIS A 192 18.96 -2.00 5.30
CA HIS A 192 19.95 -3.07 5.33
C HIS A 192 19.40 -4.23 4.48
N GLN A 193 18.16 -4.60 4.72
CA GLN A 193 17.55 -5.72 4.01
C GLN A 193 17.46 -5.48 2.50
N LEU A 194 17.08 -4.27 2.10
CA LEU A 194 17.04 -3.95 0.68
C LEU A 194 18.43 -3.93 0.06
N ARG A 195 19.42 -3.52 0.84
CA ARG A 195 20.78 -3.55 0.33
C ARG A 195 21.19 -4.95 -0.08
N PHE A 196 20.95 -5.93 0.80
CA PHE A 196 21.24 -7.34 0.52
C PHE A 196 20.69 -7.76 -0.84
N ILE A 197 19.43 -7.39 -1.10
CA ILE A 197 18.75 -7.69 -2.37
C ILE A 197 19.39 -6.99 -3.57
N MET A 198 19.67 -5.69 -3.44
CA MET A 198 20.38 -4.96 -4.52
C MET A 198 21.71 -5.62 -4.86
N ILE A 199 22.60 -5.74 -3.88
CA ILE A 199 23.84 -6.50 -4.05
C ILE A 199 23.62 -7.83 -4.78
N GLY A 200 22.63 -8.59 -4.34
CA GLY A 200 22.26 -9.82 -5.00
C GLY A 200 22.09 -9.62 -6.48
N GLY A 201 21.21 -8.68 -6.85
CA GLY A 201 20.97 -8.26 -8.24
C GLY A 201 22.21 -7.88 -9.02
N LYS A 202 23.14 -7.17 -8.40
CA LYS A 202 24.35 -6.74 -9.10
C LYS A 202 25.32 -7.88 -9.38
N HIS A 203 25.42 -8.83 -8.46
CA HIS A 203 26.40 -9.91 -8.59
C HIS A 203 25.80 -11.20 -9.14
N TRP A 204 24.64 -11.10 -9.75
CA TRP A 204 24.06 -12.23 -10.45
C TRP A 204 24.93 -12.57 -11.67
N HIS A 205 24.82 -13.79 -12.16
CA HIS A 205 25.46 -14.25 -13.42
C HIS A 205 25.21 -15.74 -13.63
#